data_9MDS
#
_entry.id   9MDS
#
_entity_poly.entity_id   1
_entity_poly.type   'polyribonucleotide'
_entity_poly.pdbx_seq_one_letter_code
;GUUUAUAGACAUAGCCUUGUGUAUGACUGUCUAAUCAACAGUGCAAGGAAUUAGUUGUGCUCUCAAAAGGAGUUAUGUGA
AGGAAAGAUUAAAUGGAUACAUUUAAUUAAGUACAAUUACUACAAAAUCUAUAAUGACUGGGUAAGUCACCCGUAAGAAG
GAUGAGUUAGUAGAGAUAUAAUAAUAUCUUACAGUUCAACUGAUGUGCAAGUUUAUAAGUAGACGUAGUGUGAAAGACUU
AUCGCUAACGCAAUAGACGUUAUCUCGAAAGGAUAAAAGAAACCAAGAAGAUAUACAAAUUGGUAACUUGUAUAAGCCCU
UGGUAAUACCAAAUAAGUUAGUUCCUCAUGAUGUCGUGGAAACAUGACUAUAAGAUAAGUUGAAUUCGAUAGUAGCCCAA
GAGGAAUC(N)(N)(N)(N)(N)(N)(N)(N)(N)(N)(N)(N)(N)(N)(N)(N)(N)(N)(N)(N)(N)(N)(N)(N)
(N)(N)(N)(N)(N)(N)(N)(N)(N)(N)(N)(N)(N)(N)(N)(N)(N)(N)(N)(N)(N)(N)(N)(N)(N)(N)
(N)(UNK)GAUUGUGCCUUGAAAAAGGUGGGUGAGGUCUGUGGGUAAAAAUUAAUUCCCAUCUGGUUUUGGAUUUUCUUC
GGAAAAUUGGUGCAAGAAGCGUGGAGUUGCUAACCAUUGCUCAGACUUGUAUCGCCAGUAGCACGAUAACGAUAUUUAUG
AAUGUUGUAAGGUGAAUAAAAGCCUAUGAUUUGUGAAC
;
_entity_poly.pdbx_strand_id   A,B,C,D,E,F,G,H
#
loop_
_chem_comp.id
_chem_comp.type
_chem_comp.name
_chem_comp.formula
A RNA linking ADENOSINE-5'-MONOPHOSPHATE 'C10 H14 N5 O7 P'
C RNA linking CYTIDINE-5'-MONOPHOSPHATE 'C9 H14 N3 O8 P'
G RNA linking GUANOSINE-5'-MONOPHOSPHATE 'C10 H14 N5 O8 P'
N RNA linking 'ANY 5'-MONOPHOSPHATE NUCLEOTIDE' 'C5 H11 O7 P'
U RNA linking URIDINE-5'-MONOPHOSPHATE 'C9 H13 N2 O9 P'
#